data_1OPM
#
_entry.id   1OPM
#
_cell.length_a   69.399
_cell.length_b   68.840
_cell.length_c   81.047
_cell.angle_alpha   90.00
_cell.angle_beta   90.00
_cell.angle_gamma   90.00
#
_symmetry.space_group_name_H-M   'P 21 21 21'
#
loop_
_entity.id
_entity.type
_entity.pdbx_description
1 polymer 'PROTEIN (PEPTIDYLGLYCINE ALPHA-HYDROXYLATING MONOOXYGENASE)'
2 non-polymer 'COPPER (II) ION'
3 non-polymer 'AZIDE ION'
4 non-polymer 'NICKEL (II) ION'
5 non-polymer N-ALPHA-ACETYL-3,5-DIIODOTYROSYLGLYCINE
6 non-polymer GLYCEROL
7 water water
#
_entity_poly.entity_id   1
_entity_poly.type   'polypeptide(L)'
_entity_poly.pdbx_seq_one_letter_code
;NECLGTIGPVTPLDASDFALDIRMPGVTPKESDTYFCMSMRLPVDEEAFVIDFKPRASMDTVHHMLLFGCNMPSSTGSYW
FCDEGTCTDKANILYAWARNAPPTRLPKGVGFRVGGETGSKYFVLQVHYGDISAFRDNHKDCSGVSVHLTRVPQPLIAGM
YLMMSVDTVIPPGEKVVNADISCQYKMYPMHVFAYRVHTHHLGKVVSGYRVRNGQWTLIGRQNPQLPQAFYPVEHPVDVT
FGDILAARCVFTGEGRTEATHIGGTSSDEMCNLYIMYYMEAKYALSFMTCTKNVAPDMFRTIPAEANIPI
;
_entity_poly.pdbx_strand_id   A
#
# COMPACT_ATOMS: atom_id res chain seq x y z
N ASN A 1 14.16 -1.45 15.56
CA ASN A 1 13.79 -2.28 16.71
C ASN A 1 14.94 -3.22 17.08
N GLU A 2 14.92 -3.76 18.29
CA GLU A 2 15.95 -4.67 18.76
C GLU A 2 16.20 -5.81 17.77
N CYS A 3 17.47 -6.06 17.45
CA CYS A 3 17.84 -7.13 16.52
C CYS A 3 17.64 -8.47 17.23
N LEU A 4 17.15 -9.47 16.49
CA LEU A 4 16.82 -10.77 17.08
C LEU A 4 17.97 -11.66 17.54
N GLY A 5 19.07 -11.64 16.81
CA GLY A 5 20.20 -12.45 17.21
C GLY A 5 20.03 -13.94 17.05
N THR A 6 20.57 -14.67 18.01
CA THR A 6 20.56 -16.12 17.98
C THR A 6 19.26 -16.87 17.82
N ILE A 7 18.12 -16.26 18.11
CA ILE A 7 16.85 -16.98 17.97
C ILE A 7 16.26 -16.94 16.56
N GLY A 8 16.76 -16.04 15.73
CA GLY A 8 16.22 -16.00 14.39
C GLY A 8 14.90 -15.27 14.26
N PRO A 9 14.39 -15.19 13.04
CA PRO A 9 13.14 -14.50 12.71
C PRO A 9 11.81 -15.28 12.85
N VAL A 10 11.87 -16.57 13.17
CA VAL A 10 10.66 -17.37 13.28
C VAL A 10 10.30 -17.73 14.70
N THR A 11 9.08 -17.38 15.11
CA THR A 11 8.58 -17.70 16.46
C THR A 11 7.37 -18.62 16.33
N PRO A 12 7.49 -19.85 16.84
CA PRO A 12 6.40 -20.82 16.78
C PRO A 12 5.30 -20.33 17.71
N LEU A 13 4.05 -20.37 17.27
CA LEU A 13 2.95 -19.91 18.12
C LEU A 13 2.09 -21.07 18.63
N ASP A 14 1.91 -22.09 17.79
CA ASP A 14 1.16 -23.29 18.11
C ASP A 14 1.27 -24.22 16.90
N ALA A 15 0.51 -25.30 16.87
CA ALA A 15 0.60 -26.27 15.79
C ALA A 15 0.58 -25.71 14.38
N SER A 16 -0.34 -24.78 14.12
CA SER A 16 -0.50 -24.21 12.79
C SER A 16 -0.13 -22.75 12.57
N ASP A 17 0.46 -22.09 13.57
CA ASP A 17 0.79 -20.67 13.49
C ASP A 17 2.23 -20.31 13.85
N PHE A 18 2.70 -19.19 13.30
CA PHE A 18 4.03 -18.68 13.64
C PHE A 18 4.16 -17.20 13.28
N ALA A 19 5.00 -16.47 14.02
CA ALA A 19 5.25 -15.06 13.73
C ALA A 19 6.58 -15.01 13.00
N LEU A 20 6.65 -14.20 11.95
CA LEU A 20 7.85 -14.02 11.15
C LEU A 20 8.20 -12.57 11.27
N ASP A 21 9.40 -12.31 11.78
CA ASP A 21 9.92 -10.95 11.94
C ASP A 21 10.67 -10.55 10.69
N ILE A 22 10.29 -9.42 10.10
CA ILE A 22 10.91 -8.92 8.88
C ILE A 22 11.56 -7.59 9.30
N ARG A 23 12.88 -7.64 9.55
CA ARG A 23 13.65 -6.48 10.04
C ARG A 23 14.83 -6.10 9.17
N MET A 24 15.24 -4.84 9.27
CA MET A 24 16.42 -4.40 8.54
C MET A 24 17.61 -5.13 9.19
N PRO A 25 18.61 -5.53 8.41
CA PRO A 25 19.78 -6.25 8.95
C PRO A 25 20.79 -5.32 9.64
N GLY A 26 20.36 -4.59 10.65
CA GLY A 26 21.27 -3.67 11.29
C GLY A 26 21.82 -2.68 10.28
N VAL A 27 20.99 -1.84 9.71
CA VAL A 27 21.46 -0.84 8.75
C VAL A 27 21.72 0.48 9.46
N THR A 28 22.46 1.36 8.80
CA THR A 28 22.79 2.67 9.36
C THR A 28 22.63 3.70 8.26
N PRO A 29 21.48 4.38 8.23
CA PRO A 29 21.17 5.41 7.24
C PRO A 29 22.21 6.51 7.30
N LYS A 30 22.72 6.95 6.16
CA LYS A 30 23.70 8.04 6.18
C LYS A 30 23.11 9.40 5.82
N GLU A 31 22.16 9.41 4.88
CA GLU A 31 21.49 10.63 4.45
C GLU A 31 20.07 10.55 5.02
N SER A 32 19.48 11.70 5.33
CA SER A 32 18.10 11.72 5.82
C SER A 32 17.25 11.28 4.62
N ASP A 33 15.98 10.98 4.85
CA ASP A 33 15.10 10.57 3.76
C ASP A 33 15.65 9.37 2.98
N THR A 34 16.29 8.44 3.68
CA THR A 34 16.83 7.25 3.03
C THR A 34 15.72 6.19 2.99
N TYR A 35 15.64 5.47 1.87
CA TYR A 35 14.66 4.42 1.66
C TYR A 35 15.37 3.08 1.50
N PHE A 36 15.25 2.23 2.52
CA PHE A 36 15.87 0.93 2.49
C PHE A 36 14.84 -0.16 2.26
N CYS A 37 15.25 -1.22 1.57
CA CYS A 37 14.40 -2.36 1.27
C CYS A 37 15.17 -3.64 1.56
N MET A 38 14.45 -4.71 1.85
CA MET A 38 15.02 -6.03 2.07
C MET A 38 13.89 -7.02 1.87
N SER A 39 14.21 -8.30 1.70
CA SER A 39 13.17 -9.29 1.47
C SER A 39 13.38 -10.54 2.31
N MET A 40 12.32 -11.31 2.50
CA MET A 40 12.38 -12.58 3.22
C MET A 40 11.58 -13.57 2.41
N ARG A 41 12.21 -14.69 2.07
CA ARG A 41 11.51 -15.74 1.37
C ARG A 41 10.59 -16.28 2.47
N LEU A 42 9.40 -16.73 2.13
CA LEU A 42 8.54 -17.29 3.18
C LEU A 42 9.21 -18.60 3.58
N PRO A 43 9.11 -18.98 4.86
CA PRO A 43 9.74 -20.23 5.29
C PRO A 43 9.06 -21.50 4.82
N VAL A 44 7.76 -21.42 4.55
CA VAL A 44 6.99 -22.58 4.09
C VAL A 44 6.62 -22.41 2.64
N ASP A 45 6.57 -23.50 1.90
CA ASP A 45 6.23 -23.47 0.49
C ASP A 45 4.73 -23.54 0.27
N GLU A 46 4.02 -24.24 1.14
CA GLU A 46 2.57 -24.33 0.99
C GLU A 46 1.88 -23.01 1.36
N GLU A 47 0.62 -22.91 0.97
CA GLU A 47 -0.18 -21.73 1.22
C GLU A 47 -0.43 -21.42 2.69
N ALA A 48 -0.31 -20.15 3.02
CA ALA A 48 -0.53 -19.73 4.39
C ALA A 48 -1.35 -18.43 4.34
N PHE A 49 -1.78 -17.96 5.51
CA PHE A 49 -2.59 -16.74 5.54
C PHE A 49 -2.02 -15.75 6.55
N VAL A 50 -1.86 -14.51 6.11
CA VAL A 50 -1.35 -13.49 6.99
C VAL A 50 -2.55 -12.88 7.67
N ILE A 51 -2.67 -13.13 8.97
CA ILE A 51 -3.79 -12.64 9.74
C ILE A 51 -3.55 -11.46 10.71
N ASP A 52 -2.31 -10.98 10.80
CA ASP A 52 -1.98 -9.88 11.69
C ASP A 52 -0.63 -9.31 11.36
N PHE A 53 -0.38 -8.08 11.80
CA PHE A 53 0.88 -7.36 11.56
C PHE A 53 1.14 -6.52 12.79
N LYS A 54 2.38 -6.50 13.30
CA LYS A 54 2.73 -5.68 14.47
C LYS A 54 3.97 -4.91 14.08
N PRO A 55 3.91 -3.56 14.11
CA PRO A 55 5.09 -2.76 13.74
C PRO A 55 6.19 -2.87 14.80
N ARG A 56 7.43 -2.87 14.34
CA ARG A 56 8.59 -2.98 15.20
C ARG A 56 9.54 -1.90 14.69
N ALA A 57 9.11 -0.65 14.81
CA ALA A 57 9.86 0.51 14.35
C ALA A 57 10.41 1.42 15.46
N SER A 58 11.61 1.94 15.21
CA SER A 58 12.25 2.87 16.15
C SER A 58 11.66 4.27 15.87
N MET A 59 10.85 4.75 16.81
CA MET A 59 10.17 6.05 16.71
C MET A 59 11.05 7.27 16.42
N ASP A 60 12.29 7.21 16.84
CA ASP A 60 13.21 8.33 16.64
C ASP A 60 13.70 8.51 15.21
N THR A 61 13.57 7.49 14.38
CA THR A 61 14.07 7.60 13.02
C THR A 61 13.12 7.17 11.89
N VAL A 62 12.47 6.04 12.06
CA VAL A 62 11.56 5.50 11.04
C VAL A 62 10.34 6.40 10.82
N HIS A 63 10.20 6.87 9.58
CA HIS A 63 9.11 7.74 9.18
C HIS A 63 7.88 6.95 8.70
N HIS A 64 8.09 5.93 7.87
CA HIS A 64 7.00 5.08 7.40
C HIS A 64 7.60 3.73 6.97
N MET A 65 6.75 2.71 6.86
CA MET A 65 7.20 1.38 6.42
C MET A 65 6.10 0.80 5.52
N LEU A 66 6.48 -0.01 4.55
CA LEU A 66 5.51 -0.62 3.67
C LEU A 66 5.94 -2.04 3.53
N LEU A 67 4.97 -2.94 3.51
CA LEU A 67 5.25 -4.36 3.34
C LEU A 67 4.47 -4.88 2.13
N PHE A 68 5.17 -5.53 1.20
CA PHE A 68 4.61 -6.09 -0.01
C PHE A 68 4.86 -7.57 -0.08
N GLY A 69 4.12 -8.21 -0.96
CA GLY A 69 4.29 -9.62 -1.23
C GLY A 69 4.56 -9.66 -2.74
N CYS A 70 5.57 -10.43 -3.15
CA CYS A 70 5.88 -10.58 -4.56
C CYS A 70 6.72 -11.83 -4.77
N ASN A 71 6.91 -12.21 -6.04
CA ASN A 71 7.68 -13.39 -6.37
C ASN A 71 9.11 -13.13 -6.81
N MET A 72 9.46 -11.88 -7.08
CA MET A 72 10.81 -11.57 -7.53
C MET A 72 11.31 -10.24 -7.00
N PRO A 73 11.90 -10.23 -5.80
CA PRO A 73 12.39 -8.96 -5.26
C PRO A 73 13.43 -8.39 -6.24
N SER A 74 13.53 -7.07 -6.26
CA SER A 74 14.45 -6.40 -7.17
C SER A 74 15.94 -6.57 -6.93
N SER A 75 16.32 -7.07 -5.76
CA SER A 75 17.72 -7.27 -5.47
C SER A 75 17.92 -8.58 -4.74
N THR A 76 19.06 -9.23 -4.99
CA THR A 76 19.43 -10.49 -4.31
C THR A 76 20.20 -10.15 -3.04
N GLY A 77 20.32 -8.85 -2.75
CA GLY A 77 21.04 -8.41 -1.59
C GLY A 77 20.46 -8.70 -0.22
N SER A 78 21.21 -8.25 0.78
CA SER A 78 20.86 -8.35 2.18
C SER A 78 19.81 -7.26 2.35
N TYR A 79 20.11 -6.12 1.72
CA TYR A 79 19.23 -4.96 1.70
C TYR A 79 19.71 -4.11 0.53
N TRP A 80 18.94 -3.12 0.14
CA TRP A 80 19.28 -2.27 -0.99
C TRP A 80 18.47 -0.98 -0.92
N PHE A 81 18.85 0.02 -1.73
CA PHE A 81 18.13 1.30 -1.77
C PHE A 81 16.98 1.02 -2.70
N CYS A 82 15.76 1.25 -2.22
CA CYS A 82 14.56 0.95 -2.99
C CYS A 82 14.42 1.64 -4.31
N ASP A 83 15.13 2.75 -4.46
CA ASP A 83 15.12 3.52 -5.70
C ASP A 83 15.70 2.69 -6.86
N GLU A 84 16.20 1.50 -6.54
CA GLU A 84 16.72 0.54 -7.51
C GLU A 84 15.55 -0.32 -7.94
N GLY A 85 14.54 -0.40 -7.08
CA GLY A 85 13.33 -1.16 -7.37
C GLY A 85 12.89 -1.96 -6.15
N THR A 86 11.61 -2.35 -6.11
CA THR A 86 11.09 -3.14 -4.98
C THR A 86 11.00 -4.62 -5.39
N CYS A 87 10.20 -4.88 -6.43
CA CYS A 87 10.02 -6.21 -6.98
C CYS A 87 10.06 -6.14 -8.52
N THR A 88 10.58 -7.17 -9.16
CA THR A 88 10.66 -7.21 -10.61
C THR A 88 9.23 -7.38 -11.13
N ASP A 89 8.48 -8.25 -10.46
CA ASP A 89 7.10 -8.47 -10.84
C ASP A 89 6.22 -7.43 -10.13
N LYS A 90 4.91 -7.51 -10.29
CA LYS A 90 4.03 -6.54 -9.67
C LYS A 90 3.78 -6.86 -8.20
N ALA A 91 4.35 -6.02 -7.33
CA ALA A 91 4.21 -6.20 -5.90
C ALA A 91 2.81 -5.94 -5.41
N ASN A 92 2.39 -6.71 -4.41
CA ASN A 92 1.07 -6.54 -3.81
C ASN A 92 1.30 -5.90 -2.44
N ILE A 93 0.74 -4.73 -2.18
CA ILE A 93 0.95 -4.10 -0.88
C ILE A 93 0.07 -4.80 0.17
N LEU A 94 0.63 -5.08 1.33
CA LEU A 94 -0.14 -5.74 2.38
C LEU A 94 -0.32 -4.88 3.62
N TYR A 95 0.62 -3.98 3.85
CA TYR A 95 0.64 -3.17 5.07
C TYR A 95 1.47 -1.90 4.90
N ALA A 96 1.04 -0.87 5.58
CA ALA A 96 1.69 0.42 5.56
C ALA A 96 1.66 0.90 7.01
N TRP A 97 2.78 1.34 7.51
CA TRP A 97 2.86 1.87 8.86
C TRP A 97 3.35 3.29 8.71
N ALA A 98 2.59 4.24 9.21
CA ALA A 98 2.98 5.63 9.12
C ALA A 98 3.25 6.13 10.53
N ARG A 99 4.32 6.89 10.68
CA ARG A 99 4.75 7.43 11.97
C ARG A 99 3.63 8.19 12.70
N ASN A 100 2.93 9.08 11.99
CA ASN A 100 1.88 9.89 12.61
C ASN A 100 0.43 9.44 12.43
N ALA A 101 0.22 8.17 12.08
CA ALA A 101 -1.12 7.62 11.87
C ALA A 101 -1.06 6.14 12.18
N PRO A 102 -1.39 5.75 13.43
CA PRO A 102 -1.37 4.35 13.88
C PRO A 102 -2.24 3.41 13.04
N PRO A 103 -1.62 2.36 12.49
CA PRO A 103 -2.33 1.37 11.65
C PRO A 103 -3.51 0.73 12.36
N THR A 104 -4.47 0.28 11.56
CA THR A 104 -5.68 -0.38 12.04
C THR A 104 -5.52 -1.87 11.75
N ARG A 105 -6.08 -2.69 12.62
CA ARG A 105 -6.00 -4.13 12.50
C ARG A 105 -6.93 -4.77 11.45
N LEU A 106 -6.55 -5.95 10.99
CA LEU A 106 -7.39 -6.68 10.04
C LEU A 106 -8.59 -7.22 10.82
N PRO A 107 -9.76 -7.20 10.18
CA PRO A 107 -10.94 -7.73 10.86
C PRO A 107 -10.68 -9.23 11.17
N LYS A 108 -11.20 -9.75 12.26
CA LYS A 108 -10.94 -11.15 12.60
C LYS A 108 -11.64 -12.02 11.57
N GLY A 109 -10.97 -13.10 11.17
CA GLY A 109 -11.50 -14.00 10.18
C GLY A 109 -11.04 -13.63 8.78
N VAL A 110 -10.32 -12.50 8.67
CA VAL A 110 -9.78 -12.00 7.39
C VAL A 110 -8.27 -12.22 7.29
N GLY A 111 -7.83 -12.80 6.18
CA GLY A 111 -6.40 -13.02 5.99
C GLY A 111 -5.96 -12.89 4.53
N PHE A 112 -4.72 -12.48 4.33
CA PHE A 112 -4.15 -12.37 3.00
C PHE A 112 -3.60 -13.76 2.68
N ARG A 113 -3.85 -14.27 1.48
CA ARG A 113 -3.29 -15.57 1.16
C ARG A 113 -1.93 -15.38 0.49
N VAL A 114 -0.94 -16.13 0.97
CA VAL A 114 0.42 -16.06 0.45
C VAL A 114 0.98 -17.48 0.25
N GLY A 115 2.15 -17.58 -0.37
CA GLY A 115 2.78 -18.88 -0.61
C GLY A 115 2.01 -19.78 -1.53
N GLY A 116 2.35 -21.06 -1.50
CA GLY A 116 1.67 -22.03 -2.33
C GLY A 116 2.01 -21.83 -3.79
N GLU A 117 1.10 -22.28 -4.66
CA GLU A 117 1.28 -22.21 -6.11
C GLU A 117 1.09 -20.84 -6.73
N THR A 118 0.15 -20.05 -6.19
CA THR A 118 -0.13 -18.74 -6.75
C THR A 118 0.11 -17.57 -5.80
N GLY A 119 0.33 -17.84 -4.52
CA GLY A 119 0.54 -16.76 -3.58
C GLY A 119 1.95 -16.22 -3.64
N SER A 120 2.16 -15.04 -3.08
CA SER A 120 3.48 -14.42 -3.03
C SER A 120 4.50 -15.34 -2.35
N LYS A 121 5.71 -15.37 -2.88
CA LYS A 121 6.76 -16.19 -2.29
C LYS A 121 7.68 -15.38 -1.39
N TYR A 122 7.62 -14.06 -1.51
CA TYR A 122 8.48 -13.19 -0.73
C TYR A 122 7.71 -12.05 -0.13
N PHE A 123 8.31 -11.48 0.90
CA PHE A 123 7.82 -10.31 1.57
C PHE A 123 8.98 -9.36 1.29
N VAL A 124 8.67 -8.12 0.94
CA VAL A 124 9.69 -7.13 0.69
C VAL A 124 9.28 -5.99 1.62
N LEU A 125 10.22 -5.55 2.45
CA LEU A 125 9.96 -4.48 3.38
C LEU A 125 10.74 -3.27 2.91
N GLN A 126 10.08 -2.12 2.96
CA GLN A 126 10.68 -0.84 2.60
C GLN A 126 10.53 0.05 3.83
N VAL A 127 11.64 0.56 4.33
CA VAL A 127 11.64 1.46 5.49
C VAL A 127 12.17 2.82 5.06
N HIS A 128 11.44 3.86 5.42
CA HIS A 128 11.87 5.21 5.08
C HIS A 128 12.38 5.91 6.32
N TYR A 129 13.68 6.15 6.35
CA TYR A 129 14.34 6.81 7.45
C TYR A 129 14.29 8.31 7.21
N GLY A 130 13.69 9.02 8.16
CA GLY A 130 13.58 10.47 8.05
C GLY A 130 14.70 11.11 8.84
N ASP A 131 14.45 11.34 10.14
CA ASP A 131 15.47 11.92 10.99
C ASP A 131 16.52 10.87 11.26
N ILE A 132 17.79 11.27 11.27
CA ILE A 132 18.87 10.33 11.54
C ILE A 132 19.77 10.89 12.63
N SER A 133 19.24 11.82 13.42
CA SER A 133 20.03 12.42 14.49
C SER A 133 20.49 11.31 15.42
N ALA A 134 19.61 10.35 15.65
CA ALA A 134 19.91 9.20 16.49
C ALA A 134 21.02 8.32 15.90
N PHE A 135 21.42 8.60 14.66
CA PHE A 135 22.45 7.80 13.97
C PHE A 135 23.90 8.31 13.97
N ARG A 136 24.26 9.17 14.92
CA ARG A 136 25.65 9.66 15.00
C ARG A 136 26.45 8.54 15.66
N ASP A 137 25.75 7.74 16.48
CA ASP A 137 26.34 6.60 17.18
C ASP A 137 26.77 5.57 16.16
N ASN A 138 26.30 5.74 14.92
CA ASN A 138 26.57 4.80 13.83
C ASN A 138 25.97 3.49 14.27
N HIS A 139 24.87 3.60 15.01
CA HIS A 139 24.16 2.44 15.50
C HIS A 139 23.37 1.89 14.33
N LYS A 140 23.25 0.57 14.31
CA LYS A 140 22.52 -0.12 13.28
C LYS A 140 21.05 -0.18 13.73
N ASP A 141 20.16 -0.31 12.76
CA ASP A 141 18.73 -0.37 13.04
C ASP A 141 18.11 -1.67 12.51
N CYS A 142 17.24 -2.27 13.32
CA CYS A 142 16.55 -3.50 12.93
C CYS A 142 15.04 -3.33 13.00
N SER A 143 14.58 -2.14 12.60
CA SER A 143 13.17 -1.81 12.57
C SER A 143 12.52 -2.63 11.50
N GLY A 144 11.25 -2.94 11.68
CA GLY A 144 10.55 -3.73 10.72
C GLY A 144 9.14 -4.04 11.14
N VAL A 145 8.65 -5.18 10.68
CA VAL A 145 7.30 -5.61 10.94
C VAL A 145 7.27 -7.10 11.24
N SER A 146 6.44 -7.47 12.21
CA SER A 146 6.26 -8.86 12.58
C SER A 146 4.92 -9.30 11.96
N VAL A 147 4.91 -10.43 11.29
CA VAL A 147 3.71 -10.91 10.63
C VAL A 147 3.23 -12.25 11.24
N HIS A 148 1.93 -12.38 11.45
CA HIS A 148 1.34 -13.60 12.02
C HIS A 148 0.80 -14.50 10.88
N LEU A 149 1.44 -15.65 10.65
CA LEU A 149 1.01 -16.59 9.59
C LEU A 149 0.30 -17.83 10.14
N THR A 150 -0.67 -18.35 9.41
CA THR A 150 -1.40 -19.56 9.81
C THR A 150 -1.68 -20.36 8.55
N ARG A 151 -1.83 -21.67 8.74
CA ARG A 151 -2.13 -22.60 7.66
C ARG A 151 -3.64 -22.75 7.65
N VAL A 152 -4.29 -22.32 8.72
CA VAL A 152 -5.74 -22.43 8.82
C VAL A 152 -6.40 -21.50 7.81
N PRO A 153 -7.19 -22.06 6.86
CA PRO A 153 -7.90 -21.28 5.83
C PRO A 153 -8.83 -20.28 6.52
N GLN A 154 -8.80 -19.05 6.07
CA GLN A 154 -9.61 -18.01 6.68
C GLN A 154 -10.90 -17.91 5.90
N PRO A 155 -12.01 -17.61 6.60
CA PRO A 155 -13.28 -17.51 5.91
C PRO A 155 -13.33 -16.33 4.95
N LEU A 156 -12.62 -15.25 5.27
CA LEU A 156 -12.62 -14.06 4.43
C LEU A 156 -11.21 -13.80 3.98
N ILE A 157 -11.06 -13.49 2.70
CA ILE A 157 -9.74 -13.27 2.14
C ILE A 157 -9.58 -11.80 1.80
N ALA A 158 -8.45 -11.26 2.24
CA ALA A 158 -8.13 -9.88 1.98
C ALA A 158 -7.44 -9.71 0.64
N GLY A 159 -7.75 -8.62 -0.03
CA GLY A 159 -7.13 -8.32 -1.31
C GLY A 159 -6.98 -6.82 -1.47
N MET A 160 -6.49 -6.43 -2.63
CA MET A 160 -6.25 -5.01 -2.90
C MET A 160 -6.72 -4.62 -4.29
N TYR A 161 -7.51 -3.55 -4.35
CA TYR A 161 -7.96 -3.05 -5.64
C TYR A 161 -7.20 -1.75 -5.83
N LEU A 162 -6.24 -1.77 -6.75
CA LEU A 162 -5.43 -0.59 -7.03
C LEU A 162 -5.89 0.26 -8.20
N MET A 163 -6.23 1.51 -7.93
CA MET A 163 -6.63 2.45 -8.96
C MET A 163 -5.45 3.43 -9.16
N MET A 164 -4.93 3.50 -10.37
CA MET A 164 -3.78 4.36 -10.64
C MET A 164 -3.78 4.93 -12.05
N SER A 165 -3.20 6.13 -12.18
CA SER A 165 -3.08 6.81 -13.47
C SER A 165 -1.75 6.44 -14.09
N VAL A 166 -1.69 6.49 -15.41
CA VAL A 166 -0.46 6.20 -16.14
C VAL A 166 -0.16 7.32 -17.16
N ASP A 167 -1.21 7.98 -17.65
CA ASP A 167 -1.11 9.01 -18.70
C ASP A 167 -1.07 10.48 -18.29
N THR A 168 -1.27 10.76 -17.01
CA THR A 168 -1.29 12.14 -16.52
C THR A 168 -0.06 13.01 -16.86
N VAL A 169 -0.34 14.22 -17.33
CA VAL A 169 0.67 15.20 -17.66
C VAL A 169 0.22 16.48 -16.94
N ILE A 170 1.12 17.07 -16.15
CA ILE A 170 0.80 18.27 -15.39
C ILE A 170 1.63 19.43 -15.93
N PRO A 171 1.01 20.29 -16.76
CA PRO A 171 1.71 21.45 -17.33
C PRO A 171 2.26 22.33 -16.21
N PRO A 172 3.47 22.90 -16.41
CA PRO A 172 4.04 23.76 -15.36
C PRO A 172 3.12 24.93 -15.03
N GLY A 173 3.10 25.32 -13.75
CA GLY A 173 2.25 26.42 -13.33
C GLY A 173 0.75 26.16 -13.35
N GLU A 174 0.32 25.13 -14.07
CA GLU A 174 -1.11 24.76 -14.19
C GLU A 174 -1.83 24.61 -12.84
N LYS A 175 -2.72 25.55 -12.56
CA LYS A 175 -3.48 25.60 -11.32
C LYS A 175 -4.18 24.30 -10.88
N VAL A 176 -4.86 23.62 -11.81
CA VAL A 176 -5.57 22.41 -11.45
C VAL A 176 -5.59 21.38 -12.55
N VAL A 177 -5.03 20.20 -12.28
CA VAL A 177 -5.04 19.12 -13.26
C VAL A 177 -5.66 17.90 -12.58
N ASN A 178 -6.72 17.36 -13.17
CA ASN A 178 -7.39 16.19 -12.61
C ASN A 178 -6.94 14.93 -13.31
N ALA A 179 -6.74 13.87 -12.54
CA ALA A 179 -6.36 12.58 -13.09
C ALA A 179 -7.55 11.73 -12.73
N ASP A 180 -8.33 11.36 -13.72
CA ASP A 180 -9.52 10.54 -13.52
C ASP A 180 -9.28 9.06 -13.88
N ILE A 181 -9.80 8.16 -13.04
CA ILE A 181 -9.64 6.71 -13.23
C ILE A 181 -11.00 6.07 -13.02
N SER A 182 -11.42 5.16 -13.91
CA SER A 182 -12.69 4.48 -13.74
C SER A 182 -12.74 3.16 -14.48
N CYS A 183 -13.30 2.14 -13.82
CA CYS A 183 -13.44 0.80 -14.39
C CYS A 183 -14.75 0.21 -13.94
N GLN A 184 -15.26 -0.76 -14.69
CA GLN A 184 -16.48 -1.42 -14.27
C GLN A 184 -16.05 -2.64 -13.48
N TYR A 185 -16.74 -2.90 -12.38
CA TYR A 185 -16.44 -4.02 -11.54
C TYR A 185 -17.18 -5.26 -12.05
N LYS A 186 -16.44 -6.34 -12.25
CA LYS A 186 -17.00 -7.55 -12.82
C LYS A 186 -16.67 -8.81 -12.07
N MET A 187 -16.50 -8.74 -10.76
CA MET A 187 -16.16 -9.96 -10.03
C MET A 187 -17.20 -10.18 -8.97
N TYR A 188 -16.96 -11.13 -8.07
CA TYR A 188 -17.90 -11.35 -7.00
C TYR A 188 -17.81 -10.15 -6.08
N PRO A 189 -18.81 -9.95 -5.21
CA PRO A 189 -18.70 -8.78 -4.34
C PRO A 189 -17.50 -8.69 -3.39
N MET A 190 -16.98 -7.47 -3.24
CA MET A 190 -15.89 -7.23 -2.31
C MET A 190 -16.42 -6.16 -1.34
N HIS A 191 -15.90 -6.14 -0.12
CA HIS A 191 -16.29 -5.15 0.86
C HIS A 191 -15.04 -4.40 1.24
N VAL A 192 -15.03 -3.11 0.92
CA VAL A 192 -13.90 -2.27 1.24
C VAL A 192 -13.88 -2.01 2.74
N PHE A 193 -12.72 -2.17 3.38
CA PHE A 193 -12.63 -1.88 4.80
C PHE A 193 -11.53 -0.87 5.12
N ALA A 194 -10.62 -0.61 4.18
CA ALA A 194 -9.52 0.35 4.41
C ALA A 194 -9.03 0.94 3.07
N TYR A 195 -8.32 2.06 3.11
CA TYR A 195 -7.84 2.66 1.88
C TYR A 195 -6.59 3.48 2.17
N ARG A 196 -5.71 3.57 1.19
CA ARG A 196 -4.49 4.35 1.31
C ARG A 196 -4.39 5.19 0.02
N VAL A 197 -3.92 6.42 0.15
CA VAL A 197 -3.76 7.25 -1.04
C VAL A 197 -2.28 7.50 -1.22
N HIS A 198 -1.87 7.68 -2.46
CA HIS A 198 -0.47 7.95 -2.69
C HIS A 198 -0.27 8.88 -3.87
N THR A 199 0.46 9.95 -3.62
CA THR A 199 0.75 10.99 -4.59
C THR A 199 2.11 11.53 -4.16
N HIS A 200 2.79 12.30 -5.00
CA HIS A 200 4.02 12.95 -4.55
C HIS A 200 3.65 14.39 -4.11
N HIS A 201 4.58 15.34 -4.16
CA HIS A 201 4.26 16.69 -3.67
C HIS A 201 3.23 17.56 -4.35
N LEU A 202 2.84 17.24 -5.57
CA LEU A 202 1.85 18.05 -6.29
C LEU A 202 0.40 17.67 -6.03
N GLY A 203 0.17 16.56 -5.32
CA GLY A 203 -1.19 16.13 -5.05
C GLY A 203 -1.88 16.92 -3.95
N LYS A 204 -3.09 17.36 -4.22
CA LYS A 204 -3.86 18.14 -3.27
C LYS A 204 -4.88 17.25 -2.58
N VAL A 205 -5.60 16.46 -3.38
CA VAL A 205 -6.61 15.57 -2.82
C VAL A 205 -6.83 14.35 -3.70
N VAL A 206 -7.15 13.21 -3.07
CA VAL A 206 -7.41 11.93 -3.77
C VAL A 206 -8.73 11.35 -3.24
N SER A 207 -9.66 10.99 -4.13
CA SER A 207 -10.94 10.44 -3.70
C SER A 207 -11.31 9.23 -4.55
N GLY A 208 -12.05 8.29 -3.96
CA GLY A 208 -12.51 7.10 -4.65
C GLY A 208 -13.96 6.88 -4.34
N TYR A 209 -14.74 6.35 -5.28
CA TYR A 209 -16.18 6.14 -5.09
C TYR A 209 -16.66 4.90 -5.80
N ARG A 210 -17.77 4.36 -5.30
CA ARG A 210 -18.46 3.26 -5.97
C ARG A 210 -19.66 3.99 -6.61
N VAL A 211 -19.91 3.76 -7.89
CA VAL A 211 -21.01 4.42 -8.58
C VAL A 211 -21.98 3.35 -9.06
N ARG A 212 -23.18 3.41 -8.50
CA ARG A 212 -24.23 2.46 -8.79
C ARG A 212 -25.51 3.24 -9.13
N ASN A 213 -26.07 2.95 -10.29
CA ASN A 213 -27.30 3.61 -10.78
C ASN A 213 -27.05 5.11 -10.81
N GLY A 214 -25.84 5.52 -11.19
CA GLY A 214 -25.53 6.93 -11.24
C GLY A 214 -25.23 7.57 -9.91
N GLN A 215 -25.52 6.88 -8.80
CA GLN A 215 -25.28 7.40 -7.44
C GLN A 215 -23.84 7.15 -6.94
N TRP A 216 -23.24 8.18 -6.34
CA TRP A 216 -21.86 8.11 -5.87
C TRP A 216 -21.73 7.85 -4.36
N THR A 217 -21.04 6.77 -4.00
CA THR A 217 -20.83 6.42 -2.59
C THR A 217 -19.33 6.54 -2.28
N LEU A 218 -18.99 7.44 -1.37
CA LEU A 218 -17.61 7.66 -1.01
C LEU A 218 -16.95 6.42 -0.40
N ILE A 219 -15.77 6.07 -0.89
CA ILE A 219 -15.01 4.95 -0.34
C ILE A 219 -14.01 5.59 0.60
N GLY A 220 -13.28 6.59 0.10
CA GLY A 220 -12.31 7.27 0.91
C GLY A 220 -11.88 8.56 0.23
N ARG A 221 -11.49 9.54 1.03
CA ARG A 221 -11.06 10.84 0.53
C ARG A 221 -9.94 11.26 1.44
N GLN A 222 -8.82 11.73 0.90
CA GLN A 222 -7.74 12.09 1.79
C GLN A 222 -6.78 13.06 1.13
N ASN A 223 -6.04 13.80 1.95
CA ASN A 223 -5.04 14.74 1.48
C ASN A 223 -3.79 13.86 1.45
N PRO A 224 -3.22 13.61 0.25
CA PRO A 224 -2.02 12.78 0.12
C PRO A 224 -0.77 13.32 0.77
N GLN A 225 -0.84 14.52 1.33
CA GLN A 225 0.33 15.09 2.01
C GLN A 225 0.32 14.69 3.50
N LEU A 226 -0.82 14.18 3.97
CA LEU A 226 -0.96 13.69 5.34
C LEU A 226 -0.36 12.28 5.28
N PRO A 227 0.04 11.70 6.44
CA PRO A 227 0.63 10.35 6.50
C PRO A 227 -0.15 9.37 5.61
N GLN A 228 0.57 8.61 4.80
CA GLN A 228 -0.06 7.69 3.87
C GLN A 228 -0.20 6.28 4.44
N ALA A 229 -1.05 6.17 5.44
CA ALA A 229 -1.35 4.91 6.08
C ALA A 229 -2.64 4.40 5.48
N PHE A 230 -3.00 3.17 5.82
CA PHE A 230 -4.27 2.65 5.36
C PHE A 230 -5.20 3.18 6.46
N TYR A 231 -6.28 3.84 6.06
CA TYR A 231 -7.24 4.37 7.01
C TYR A 231 -8.49 3.53 6.87
N PRO A 232 -9.24 3.31 7.98
CA PRO A 232 -10.45 2.51 7.85
C PRO A 232 -11.50 3.34 7.11
N VAL A 233 -12.36 2.66 6.38
CA VAL A 233 -13.39 3.33 5.65
C VAL A 233 -14.45 3.79 6.66
N GLU A 234 -15.11 4.91 6.35
CA GLU A 234 -16.13 5.44 7.23
C GLU A 234 -17.23 4.42 7.48
N HIS A 235 -17.72 3.79 6.42
CA HIS A 235 -18.76 2.77 6.57
C HIS A 235 -18.42 1.67 5.58
N PRO A 236 -18.66 0.39 5.93
CA PRO A 236 -18.35 -0.71 5.01
C PRO A 236 -19.11 -0.51 3.67
N VAL A 237 -18.41 -0.71 2.56
CA VAL A 237 -18.99 -0.50 1.24
C VAL A 237 -18.74 -1.71 0.36
N ASP A 238 -19.79 -2.31 -0.18
CA ASP A 238 -19.61 -3.44 -1.08
C ASP A 238 -19.60 -2.89 -2.50
N VAL A 239 -18.82 -3.53 -3.37
CA VAL A 239 -18.76 -3.18 -4.78
C VAL A 239 -19.17 -4.50 -5.43
N THR A 240 -20.14 -4.43 -6.31
CA THR A 240 -20.70 -5.61 -6.93
C THR A 240 -20.69 -5.50 -8.46
N PHE A 241 -20.68 -6.65 -9.10
CA PHE A 241 -20.69 -6.78 -10.55
C PHE A 241 -21.62 -5.71 -11.16
N GLY A 242 -21.10 -4.91 -12.10
CA GLY A 242 -21.90 -3.86 -12.71
C GLY A 242 -21.54 -2.47 -12.18
N ASP A 243 -21.10 -2.40 -10.92
CA ASP A 243 -20.72 -1.12 -10.31
C ASP A 243 -19.53 -0.56 -11.07
N ILE A 244 -19.27 0.71 -10.85
CA ILE A 244 -18.13 1.35 -11.46
C ILE A 244 -17.33 2.03 -10.36
N LEU A 245 -16.02 1.78 -10.34
CA LEU A 245 -15.13 2.39 -9.37
C LEU A 245 -14.55 3.59 -10.07
N ALA A 246 -14.63 4.74 -9.42
CA ALA A 246 -14.14 5.98 -9.99
C ALA A 246 -13.28 6.65 -8.95
N ALA A 247 -12.20 7.27 -9.39
CA ALA A 247 -11.27 7.93 -8.51
C ALA A 247 -10.70 9.15 -9.19
N ARG A 248 -10.33 10.16 -8.41
CA ARG A 248 -9.76 11.35 -8.97
C ARG A 248 -8.69 11.91 -8.07
N CYS A 249 -7.54 12.23 -8.63
CA CYS A 249 -6.48 12.88 -7.86
C CYS A 249 -6.43 14.29 -8.42
N VAL A 250 -6.38 15.28 -7.54
CA VAL A 250 -6.31 16.67 -7.94
C VAL A 250 -4.86 17.12 -7.72
N PHE A 251 -4.22 17.62 -8.77
CA PHE A 251 -2.84 18.09 -8.71
C PHE A 251 -2.78 19.55 -9.08
N THR A 252 -1.56 20.09 -9.02
CA THR A 252 -1.27 21.47 -9.41
C THR A 252 0.10 21.42 -10.10
N GLY A 253 0.34 22.41 -10.95
CA GLY A 253 1.59 22.53 -11.66
C GLY A 253 2.34 23.70 -11.05
N GLU A 254 1.70 24.37 -10.09
CA GLU A 254 2.28 25.51 -9.42
C GLU A 254 3.58 25.18 -8.69
N GLY A 255 4.64 25.89 -9.08
CA GLY A 255 5.96 25.68 -8.51
C GLY A 255 6.89 24.97 -9.50
N ARG A 256 6.33 24.24 -10.46
CA ARG A 256 7.16 23.53 -11.43
C ARG A 256 7.40 24.38 -12.65
N THR A 257 8.65 24.35 -13.11
CA THR A 257 9.01 25.12 -14.29
C THR A 257 8.80 24.23 -15.54
N GLU A 258 8.74 22.92 -15.33
CA GLU A 258 8.50 21.98 -16.42
C GLU A 258 7.29 21.08 -16.16
N ALA A 259 6.90 20.31 -17.17
CA ALA A 259 5.75 19.42 -17.06
C ALA A 259 6.08 18.28 -16.12
N THR A 260 5.10 17.77 -15.41
CA THR A 260 5.30 16.64 -14.52
C THR A 260 4.43 15.49 -15.06
N HIS A 261 5.03 14.34 -15.29
CA HIS A 261 4.26 13.20 -15.76
C HIS A 261 4.33 12.09 -14.69
N ILE A 262 3.60 11.01 -14.93
CA ILE A 262 3.60 9.89 -14.00
C ILE A 262 4.96 9.20 -14.03
N GLY A 263 5.48 8.87 -12.84
CA GLY A 263 6.77 8.20 -12.77
C GLY A 263 7.24 7.92 -11.36
N GLY A 264 8.39 7.27 -11.26
CA GLY A 264 8.95 6.90 -9.97
C GLY A 264 9.79 7.85 -9.14
N THR A 265 10.17 9.03 -9.64
CA THR A 265 11.00 9.92 -8.83
C THR A 265 10.22 11.05 -8.24
N SER A 266 10.85 11.83 -7.37
CA SER A 266 10.23 12.97 -6.71
C SER A 266 9.85 14.07 -7.72
N SER A 267 10.53 14.09 -8.88
CA SER A 267 10.19 15.07 -9.90
C SER A 267 8.99 14.60 -10.72
N ASP A 268 8.59 13.34 -10.49
CA ASP A 268 7.44 12.80 -11.20
C ASP A 268 6.28 12.75 -10.23
N GLU A 269 5.15 12.27 -10.71
CA GLU A 269 3.97 12.16 -9.87
C GLU A 269 3.40 10.78 -9.96
N MET A 270 2.42 10.50 -9.11
CA MET A 270 1.73 9.23 -9.07
C MET A 270 0.36 9.52 -8.56
N CYS A 271 -0.64 8.80 -9.05
CA CYS A 271 -2.00 8.97 -8.57
C CYS A 271 -2.45 7.55 -8.24
N ASN A 272 -2.45 7.22 -6.95
CA ASN A 272 -2.84 5.88 -6.53
C ASN A 272 -3.88 5.90 -5.44
N LEU A 273 -4.86 5.03 -5.57
CA LEU A 273 -5.84 4.86 -4.52
C LEU A 273 -5.88 3.35 -4.30
N TYR A 274 -5.38 2.91 -3.15
CA TYR A 274 -5.40 1.50 -2.79
C TYR A 274 -6.67 1.21 -1.98
N ILE A 275 -7.49 0.28 -2.46
CA ILE A 275 -8.73 -0.09 -1.79
C ILE A 275 -8.57 -1.50 -1.23
N MET A 276 -8.37 -1.64 0.07
CA MET A 276 -8.21 -2.94 0.70
C MET A 276 -9.57 -3.52 0.98
N TYR A 277 -9.79 -4.76 0.59
CA TYR A 277 -11.12 -5.35 0.75
C TYR A 277 -11.02 -6.78 1.23
N TYR A 278 -12.17 -7.39 1.49
CA TYR A 278 -12.24 -8.79 1.85
C TYR A 278 -13.36 -9.39 0.99
N MET A 279 -13.21 -10.67 0.66
CA MET A 279 -14.21 -11.39 -0.13
C MET A 279 -14.41 -12.76 0.50
N GLU A 280 -15.56 -13.39 0.28
CA GLU A 280 -15.76 -14.74 0.83
C GLU A 280 -14.66 -15.61 0.21
N ALA A 281 -14.04 -16.47 1.01
CA ALA A 281 -12.94 -17.32 0.53
C ALA A 281 -13.19 -18.04 -0.80
N LYS A 282 -14.38 -18.61 -0.99
CA LYS A 282 -14.69 -19.30 -2.24
C LYS A 282 -14.92 -18.39 -3.44
N TYR A 283 -14.99 -17.09 -3.25
CA TYR A 283 -15.19 -16.19 -4.39
C TYR A 283 -13.99 -15.29 -4.63
N ALA A 284 -13.08 -15.30 -3.68
CA ALA A 284 -11.95 -14.39 -3.67
C ALA A 284 -10.84 -14.46 -4.67
N LEU A 285 -10.36 -13.27 -5.02
CA LEU A 285 -9.17 -13.07 -5.83
C LEU A 285 -8.40 -12.02 -5.01
N SER A 286 -7.09 -12.16 -4.98
CA SER A 286 -6.24 -11.26 -4.17
C SER A 286 -5.89 -9.89 -4.70
N PHE A 287 -6.07 -9.64 -5.99
CA PHE A 287 -5.70 -8.34 -6.52
C PHE A 287 -6.41 -8.00 -7.80
N MET A 288 -6.75 -6.72 -7.94
CA MET A 288 -7.39 -6.16 -9.11
C MET A 288 -6.74 -4.81 -9.32
N THR A 289 -6.72 -4.35 -10.57
CA THR A 289 -6.11 -3.08 -10.91
C THR A 289 -6.97 -2.35 -11.93
N CYS A 290 -6.91 -1.02 -11.89
CA CYS A 290 -7.65 -0.21 -12.83
C CYS A 290 -6.72 0.93 -13.22
N THR A 291 -6.32 0.94 -14.47
CA THR A 291 -5.45 1.97 -14.97
C THR A 291 -6.10 2.72 -16.13
N LYS A 292 -7.44 2.69 -16.23
CA LYS A 292 -8.18 3.31 -17.34
C LYS A 292 -9.21 4.31 -16.87
N ASN A 293 -9.93 4.87 -17.84
CA ASN A 293 -11.02 5.79 -17.53
C ASN A 293 -12.12 5.40 -18.53
N VAL A 294 -12.91 4.39 -18.18
CA VAL A 294 -13.97 3.88 -19.05
C VAL A 294 -15.23 4.75 -19.17
N ALA A 295 -15.52 5.53 -18.13
CA ALA A 295 -16.68 6.42 -18.11
C ALA A 295 -16.21 7.86 -17.82
N PRO A 296 -15.43 8.45 -18.73
CA PRO A 296 -14.90 9.81 -18.58
C PRO A 296 -15.97 10.85 -18.25
N ASP A 297 -17.09 10.76 -18.97
CA ASP A 297 -18.20 11.70 -18.81
C ASP A 297 -18.90 11.58 -17.49
N MET A 298 -18.78 10.41 -16.89
CA MET A 298 -19.40 10.12 -15.61
C MET A 298 -18.95 11.13 -14.57
N PHE A 299 -17.73 11.63 -14.73
CA PHE A 299 -17.18 12.58 -13.77
C PHE A 299 -17.85 13.93 -13.75
N ARG A 300 -18.77 14.15 -14.68
CA ARG A 300 -19.51 15.41 -14.72
C ARG A 300 -20.37 15.47 -13.47
N THR A 301 -20.62 14.30 -12.88
CA THR A 301 -21.45 14.23 -11.69
C THR A 301 -20.68 13.91 -10.41
N ILE A 302 -19.36 14.01 -10.44
CA ILE A 302 -18.56 13.72 -9.25
C ILE A 302 -18.82 14.74 -8.13
N PRO A 303 -19.03 14.26 -6.88
CA PRO A 303 -19.27 15.16 -5.77
C PRO A 303 -18.19 16.22 -5.68
N ALA A 304 -18.60 17.41 -5.24
CA ALA A 304 -17.72 18.57 -5.11
C ALA A 304 -16.57 18.37 -4.12
N GLU A 305 -16.77 17.48 -3.14
CA GLU A 305 -15.74 17.20 -2.14
C GLU A 305 -14.48 16.66 -2.82
N ALA A 306 -14.68 16.02 -3.97
CA ALA A 306 -13.59 15.47 -4.77
C ALA A 306 -12.65 16.56 -5.31
N ASN A 307 -13.07 17.82 -5.27
CA ASN A 307 -12.24 18.90 -5.77
C ASN A 307 -11.84 19.85 -4.68
N ILE A 308 -12.43 19.69 -3.50
CA ILE A 308 -12.10 20.58 -2.39
C ILE A 308 -11.16 19.88 -1.41
N PRO A 309 -10.00 20.50 -1.14
CA PRO A 309 -8.99 19.96 -0.22
C PRO A 309 -9.56 19.56 1.13
N ILE A 310 -8.84 18.68 1.82
CA ILE A 310 -9.26 18.21 3.15
C ILE A 310 -8.32 18.78 4.21
#